data_1ZAK
#
_entry.id   1ZAK
#
_cell.length_a   83.300
_cell.length_b   83.300
_cell.length_c   69.900
_cell.angle_alpha   90.00
_cell.angle_beta   90.00
_cell.angle_gamma   120.00
#
_symmetry.space_group_name_H-M   'P 3'
#
loop_
_entity.id
_entity.type
_entity.pdbx_description
1 polymer 'ADENYLATE KINASE'
2 non-polymer "BIS(ADENOSINE)-5'-PENTAPHOSPHATE"
#
_entity_poly.entity_id   1
_entity_poly.type   'polypeptide(L)'
_entity_poly.pdbx_seq_one_letter_code
;ALADPLKVMISGAPASGKGTQCELIKTKYQLAHISAGDLLRAEIAAGSENGKRAKEFMEKGQLVPDEIVVNMVKERLRQP
DAQENGWLLDGYPRSYSQAMALETLEIRPDTFILLDVPDELLVERVVGRRLDPVTGKIYHLKYSPPENEEIASRLTQRFD
DTEEKVKLRLETYYQNIESLLSTYENIIVKVQGDATVDAVFAKIDELLGSILEKKNEMVSST
;
_entity_poly.pdbx_strand_id   A,B
#
# COMPACT_ATOMS: atom_id res chain seq x y z
N ALA A 3 28.23 19.70 -14.50
CA ALA A 3 29.10 19.86 -15.70
C ALA A 3 28.25 20.52 -16.78
N ASP A 4 28.63 20.38 -18.04
CA ASP A 4 27.86 20.97 -19.14
C ASP A 4 26.46 20.38 -19.42
N PRO A 5 26.24 19.08 -19.11
CA PRO A 5 24.88 18.60 -19.39
C PRO A 5 23.96 19.25 -18.36
N LEU A 6 22.70 19.47 -18.72
CA LEU A 6 21.75 20.10 -17.81
C LEU A 6 21.56 19.27 -16.54
N LYS A 7 21.55 19.95 -15.40
CA LYS A 7 21.37 19.30 -14.09
C LYS A 7 20.35 20.12 -13.31
N VAL A 8 19.19 19.54 -13.04
CA VAL A 8 18.14 20.25 -12.32
C VAL A 8 17.92 19.65 -10.92
N MET A 9 17.25 20.39 -10.06
CA MET A 9 16.96 19.94 -8.71
C MET A 9 15.59 20.51 -8.33
N ILE A 10 14.63 19.64 -8.02
CA ILE A 10 13.29 20.09 -7.68
C ILE A 10 12.90 19.64 -6.27
N SER A 11 12.00 20.40 -5.64
CA SER A 11 11.49 20.11 -4.30
C SER A 11 10.21 20.89 -4.02
N GLY A 12 9.50 20.50 -2.96
CA GLY A 12 8.26 21.16 -2.59
C GLY A 12 7.52 20.36 -1.54
N ALA A 13 6.41 20.90 -1.06
CA ALA A 13 5.61 20.20 -0.06
C ALA A 13 4.96 18.98 -0.68
N PRO A 14 4.63 17.95 0.13
CA PRO A 14 3.99 16.73 -0.38
C PRO A 14 2.73 16.97 -1.22
N ALA A 15 2.61 16.20 -2.30
CA ALA A 15 1.47 16.27 -3.24
C ALA A 15 1.38 17.58 -4.02
N SER A 16 2.51 18.26 -4.19
CA SER A 16 2.56 19.53 -4.91
C SER A 16 2.64 19.36 -6.43
N GLY A 17 3.22 18.25 -6.87
CA GLY A 17 3.35 17.99 -8.28
C GLY A 17 4.75 17.61 -8.71
N LYS A 18 5.59 17.21 -7.75
CA LYS A 18 6.97 16.82 -8.05
C LYS A 18 7.06 15.63 -9.02
N GLY A 19 6.42 14.52 -8.67
CA GLY A 19 6.44 13.36 -9.53
C GLY A 19 5.80 13.64 -10.89
N THR A 20 4.65 14.32 -10.86
CA THR A 20 3.92 14.65 -12.09
C THR A 20 4.72 15.46 -13.10
N GLN A 21 5.33 16.55 -12.64
CA GLN A 21 6.11 17.41 -13.52
C GLN A 21 7.33 16.69 -14.09
N CYS A 22 8.04 15.95 -13.24
CA CYS A 22 9.23 15.23 -13.65
C CYS A 22 9.03 14.34 -14.87
N GLU A 23 7.83 13.78 -15.03
CA GLU A 23 7.55 12.93 -16.17
C GLU A 23 7.66 13.75 -17.46
N LEU A 24 7.04 14.92 -17.45
CA LEU A 24 7.04 15.82 -18.59
C LEU A 24 8.45 16.28 -18.94
N ILE A 25 9.18 16.74 -17.93
CA ILE A 25 10.56 17.21 -18.09
C ILE A 25 11.43 16.09 -18.67
N LYS A 26 11.37 14.93 -18.03
CA LYS A 26 12.12 13.73 -18.42
C LYS A 26 11.90 13.34 -19.88
N THR A 27 10.62 13.17 -20.23
CA THR A 27 10.24 12.77 -21.58
C THR A 27 10.72 13.74 -22.67
N LYS A 28 10.74 15.03 -22.38
CA LYS A 28 11.19 15.99 -23.37
C LYS A 28 12.71 16.18 -23.37
N TYR A 29 13.24 16.67 -22.26
CA TYR A 29 14.68 16.93 -22.16
C TYR A 29 15.62 15.73 -22.15
N GLN A 30 15.07 14.53 -21.95
CA GLN A 30 15.85 13.29 -21.95
C GLN A 30 16.83 13.11 -20.77
N LEU A 31 16.56 13.81 -19.66
CA LEU A 31 17.42 13.75 -18.48
C LEU A 31 17.26 12.47 -17.65
N ALA A 32 18.26 12.18 -16.82
CA ALA A 32 18.21 11.02 -15.94
C ALA A 32 17.46 11.44 -14.68
N HIS A 33 16.23 10.96 -14.55
CA HIS A 33 15.39 11.29 -13.41
C HIS A 33 15.62 10.43 -12.17
N ILE A 34 16.25 11.03 -11.17
CA ILE A 34 16.51 10.35 -9.90
C ILE A 34 15.34 10.76 -8.99
N SER A 35 15.06 9.98 -7.96
CA SER A 35 13.93 10.30 -7.08
C SER A 35 14.08 9.57 -5.74
N ALA A 36 14.45 10.30 -4.69
CA ALA A 36 14.64 9.73 -3.36
C ALA A 36 13.42 8.95 -2.87
N GLY A 37 12.23 9.46 -3.17
CA GLY A 37 11.02 8.78 -2.75
C GLY A 37 10.92 7.41 -3.39
N ASP A 38 10.99 7.37 -4.73
CA ASP A 38 10.88 6.12 -5.48
C ASP A 38 11.92 5.07 -5.10
N LEU A 39 13.18 5.49 -4.93
CA LEU A 39 14.25 4.56 -4.57
C LEU A 39 13.94 3.88 -3.24
N LEU A 40 13.41 4.65 -2.30
CA LEU A 40 13.05 4.14 -0.99
C LEU A 40 11.98 3.06 -1.14
N ARG A 41 10.91 3.40 -1.83
CA ARG A 41 9.81 2.47 -2.06
C ARG A 41 10.26 1.21 -2.82
N ALA A 42 11.23 1.37 -3.71
CA ALA A 42 11.76 0.25 -4.48
C ALA A 42 12.43 -0.78 -3.56
N GLU A 43 13.20 -0.29 -2.60
CA GLU A 43 13.89 -1.16 -1.64
C GLU A 43 12.86 -1.91 -0.78
N ILE A 44 11.77 -1.23 -0.46
CA ILE A 44 10.69 -1.83 0.33
C ILE A 44 10.02 -2.90 -0.52
N ALA A 45 9.81 -2.58 -1.79
CA ALA A 45 9.19 -3.50 -2.75
C ALA A 45 10.00 -4.77 -2.84
N ALA A 46 11.31 -4.62 -2.89
CA ALA A 46 12.24 -5.74 -2.97
C ALA A 46 12.29 -6.50 -1.64
N GLY A 47 11.86 -5.84 -0.56
CA GLY A 47 11.83 -6.48 0.74
C GLY A 47 13.15 -6.75 1.42
N SER A 48 14.06 -5.78 1.34
CA SER A 48 15.37 -5.92 1.97
C SER A 48 15.34 -5.41 3.40
N GLU A 49 16.46 -5.57 4.11
CA GLU A 49 16.56 -5.11 5.50
C GLU A 49 16.44 -3.59 5.55
N ASN A 50 17.01 -2.92 4.54
CA ASN A 50 16.93 -1.46 4.45
C ASN A 50 15.49 -1.05 4.22
N GLY A 51 14.76 -1.85 3.47
CA GLY A 51 13.36 -1.56 3.19
C GLY A 51 12.53 -1.61 4.45
N LYS A 52 12.60 -2.73 5.18
CA LYS A 52 11.81 -2.88 6.41
C LYS A 52 12.25 -1.93 7.53
N ARG A 53 13.40 -1.30 7.36
CA ARG A 53 13.92 -0.33 8.32
C ARG A 53 13.32 1.03 7.93
N ALA A 54 13.58 1.43 6.70
CA ALA A 54 13.10 2.69 6.16
C ALA A 54 11.60 2.88 6.31
N LYS A 55 10.83 1.84 5.95
CA LYS A 55 9.37 1.91 6.03
C LYS A 55 8.84 2.50 7.32
N GLU A 56 9.42 2.10 8.45
CA GLU A 56 9.00 2.59 9.75
C GLU A 56 8.94 4.11 9.80
N PHE A 57 10.02 4.77 9.43
CA PHE A 57 10.06 6.24 9.44
C PHE A 57 9.01 6.83 8.52
N MET A 58 8.84 6.21 7.36
CA MET A 58 7.87 6.68 6.36
C MET A 58 6.41 6.51 6.81
N GLU A 59 6.16 5.59 7.73
CA GLU A 59 4.79 5.36 8.22
C GLU A 59 4.36 6.46 9.17
N LYS A 60 5.32 7.02 9.92
CA LYS A 60 5.01 8.08 10.87
C LYS A 60 5.23 9.46 10.25
N GLY A 61 5.63 9.47 8.98
CA GLY A 61 5.87 10.72 8.28
C GLY A 61 7.23 11.32 8.62
N GLN A 62 8.15 10.46 9.03
CA GLN A 62 9.50 10.87 9.41
C GLN A 62 10.44 10.84 8.21
N LEU A 63 11.62 11.44 8.36
CA LEU A 63 12.63 11.43 7.30
C LEU A 63 13.50 10.21 7.55
N VAL A 64 13.78 9.45 6.49
CA VAL A 64 14.63 8.27 6.62
C VAL A 64 16.06 8.72 6.87
N PRO A 65 16.75 8.11 7.86
CA PRO A 65 18.13 8.43 8.24
C PRO A 65 19.17 8.38 7.12
N ASP A 66 20.02 9.39 7.13
CA ASP A 66 21.09 9.61 6.16
C ASP A 66 21.87 8.42 5.60
N GLU A 67 22.27 7.46 6.44
CA GLU A 67 23.04 6.32 5.93
C GLU A 67 22.32 5.53 4.85
N ILE A 68 20.99 5.55 4.88
CA ILE A 68 20.23 4.83 3.86
C ILE A 68 20.14 5.70 2.62
N VAL A 69 19.66 6.92 2.80
CA VAL A 69 19.46 7.88 1.72
C VAL A 69 20.72 8.42 1.02
N VAL A 70 21.57 9.10 1.77
CA VAL A 70 22.78 9.72 1.22
C VAL A 70 23.56 8.91 0.20
N ASN A 71 24.01 7.71 0.54
CA ASN A 71 24.77 6.91 -0.42
C ASN A 71 23.95 6.16 -1.44
N MET A 72 22.66 6.00 -1.16
CA MET A 72 21.77 5.31 -2.10
C MET A 72 21.67 6.21 -3.32
N VAL A 73 21.65 7.52 -3.05
CA VAL A 73 21.58 8.55 -4.09
C VAL A 73 22.96 8.70 -4.74
N LYS A 74 23.99 8.70 -3.90
CA LYS A 74 25.38 8.83 -4.32
C LYS A 74 25.69 7.94 -5.54
N GLU A 75 25.50 6.64 -5.38
CA GLU A 75 25.77 5.67 -6.44
C GLU A 75 24.91 5.78 -7.70
N ARG A 76 23.74 6.41 -7.58
CA ARG A 76 22.86 6.58 -8.73
C ARG A 76 23.43 7.68 -9.61
N LEU A 77 24.10 8.64 -8.98
CA LEU A 77 24.74 9.74 -9.72
C LEU A 77 26.02 9.25 -10.39
N ARG A 78 26.58 8.15 -9.89
CA ARG A 78 27.81 7.58 -10.45
C ARG A 78 27.56 6.91 -11.80
N GLN A 79 26.33 6.46 -12.06
CA GLN A 79 26.00 5.82 -13.33
C GLN A 79 26.28 6.80 -14.49
N PRO A 80 26.70 6.27 -15.66
CA PRO A 80 27.03 7.05 -16.87
C PRO A 80 25.97 8.02 -17.39
N ASP A 81 24.75 7.53 -17.58
CA ASP A 81 23.64 8.33 -18.10
C ASP A 81 23.48 9.69 -17.41
N ALA A 82 23.68 9.73 -16.10
CA ALA A 82 23.55 10.97 -15.34
C ALA A 82 24.69 11.95 -15.67
N GLN A 83 25.87 11.39 -15.91
CA GLN A 83 27.04 12.20 -16.23
C GLN A 83 27.13 12.59 -17.69
N GLU A 84 26.50 11.80 -18.56
CA GLU A 84 26.53 12.09 -19.99
C GLU A 84 25.35 12.92 -20.48
N ASN A 85 24.16 12.62 -19.99
CA ASN A 85 22.97 13.34 -20.40
C ASN A 85 22.59 14.47 -19.44
N GLY A 86 22.63 14.17 -18.14
CA GLY A 86 22.29 15.16 -17.13
C GLY A 86 21.43 14.51 -16.08
N TRP A 87 21.38 15.11 -14.89
CA TRP A 87 20.58 14.57 -13.78
C TRP A 87 19.44 15.49 -13.37
N LEU A 88 18.38 14.88 -12.85
CA LEU A 88 17.22 15.61 -12.39
C LEU A 88 16.83 15.08 -11.02
N LEU A 89 17.28 15.74 -9.96
CA LEU A 89 16.95 15.31 -8.61
C LEU A 89 15.50 15.59 -8.26
N ASP A 90 14.95 14.78 -7.37
CA ASP A 90 13.57 14.91 -6.96
C ASP A 90 13.46 14.42 -5.52
N GLY A 91 13.14 15.33 -4.61
CA GLY A 91 13.01 14.97 -3.21
C GLY A 91 14.35 14.79 -2.54
N TYR A 92 15.30 15.64 -2.89
CA TYR A 92 16.63 15.57 -2.33
C TYR A 92 17.38 16.82 -2.72
N PRO A 93 18.06 17.48 -1.75
CA PRO A 93 18.13 17.07 -0.34
C PRO A 93 16.87 17.49 0.42
N ARG A 94 16.78 17.11 1.68
CA ARG A 94 15.64 17.46 2.52
C ARG A 94 16.09 17.93 3.89
N SER A 95 17.41 18.07 4.06
CA SER A 95 17.98 18.53 5.32
C SER A 95 19.37 19.09 5.07
N TYR A 96 19.85 19.91 6.02
CA TYR A 96 21.17 20.52 5.93
C TYR A 96 22.26 19.49 5.62
N SER A 97 22.36 18.46 6.47
CA SER A 97 23.37 17.43 6.28
C SER A 97 23.34 16.85 4.87
N GLN A 98 22.14 16.53 4.38
CA GLN A 98 21.99 15.96 3.03
C GLN A 98 22.53 16.90 1.97
N ALA A 99 22.16 18.17 2.07
CA ALA A 99 22.60 19.17 1.10
C ALA A 99 24.13 19.26 1.14
N MET A 100 24.68 19.36 2.34
CA MET A 100 26.12 19.46 2.55
C MET A 100 26.91 18.30 1.96
N ALA A 101 26.36 17.09 2.06
CA ALA A 101 27.01 15.89 1.52
C ALA A 101 27.44 16.10 0.07
N LEU A 102 26.54 16.69 -0.72
CA LEU A 102 26.79 16.96 -2.14
C LEU A 102 27.80 18.07 -2.41
N GLU A 103 27.81 19.11 -1.60
CA GLU A 103 28.74 20.21 -1.81
C GLU A 103 30.19 19.77 -1.64
N THR A 104 30.41 18.78 -0.78
CA THR A 104 31.75 18.25 -0.53
C THR A 104 32.32 17.46 -1.73
N LEU A 105 31.46 17.15 -2.70
CA LEU A 105 31.88 16.42 -3.90
C LEU A 105 31.80 17.32 -5.14
N GLU A 106 31.61 18.62 -4.91
CA GLU A 106 31.50 19.59 -6.00
C GLU A 106 30.28 19.36 -6.88
N ILE A 107 29.20 18.87 -6.28
CA ILE A 107 27.97 18.62 -7.03
C ILE A 107 27.00 19.75 -6.73
N ARG A 108 26.87 20.68 -7.68
CA ARG A 108 25.97 21.82 -7.54
C ARG A 108 25.14 21.87 -8.82
N PRO A 109 23.83 22.17 -8.70
CA PRO A 109 22.93 22.25 -9.85
C PRO A 109 23.06 23.57 -10.60
N ASP A 110 22.22 23.73 -11.62
CA ASP A 110 22.19 24.96 -12.41
C ASP A 110 21.13 25.88 -11.81
N THR A 111 20.01 25.29 -11.40
CA THR A 111 18.91 26.02 -10.77
C THR A 111 18.15 25.12 -9.78
N PHE A 112 17.49 25.75 -8.82
CA PHE A 112 16.74 25.03 -7.80
C PHE A 112 15.28 25.45 -7.90
N ILE A 113 14.44 24.55 -8.40
CA ILE A 113 13.03 24.88 -8.57
C ILE A 113 12.17 24.46 -7.37
N LEU A 114 11.52 25.44 -6.75
CA LEU A 114 10.66 25.16 -5.61
C LEU A 114 9.21 25.36 -6.01
N LEU A 115 8.36 24.36 -5.79
CA LEU A 115 6.94 24.45 -6.13
C LEU A 115 6.16 25.04 -4.95
N ASP A 116 5.66 26.27 -5.11
CA ASP A 116 4.91 26.94 -4.06
C ASP A 116 3.40 26.67 -4.15
N VAL A 117 2.88 25.93 -3.17
CA VAL A 117 1.46 25.59 -3.13
C VAL A 117 0.87 25.91 -1.74
N PRO A 118 -0.34 26.50 -1.70
CA PRO A 118 -1.00 26.84 -0.43
C PRO A 118 -1.43 25.55 0.28
N ASP A 119 -1.09 25.42 1.57
CA ASP A 119 -1.43 24.22 2.35
C ASP A 119 -2.89 23.82 2.27
N GLU A 120 -3.76 24.81 2.13
CA GLU A 120 -5.19 24.58 2.06
C GLU A 120 -5.61 23.64 0.91
N LEU A 121 -4.82 23.62 -0.16
CA LEU A 121 -5.10 22.78 -1.32
C LEU A 121 -4.73 21.31 -1.17
N LEU A 122 -3.46 21.09 -0.79
CA LEU A 122 -2.84 19.77 -0.62
C LEU A 122 -3.70 18.56 -0.25
N VAL A 123 -4.49 18.65 0.81
CA VAL A 123 -5.32 17.51 1.27
C VAL A 123 -6.14 16.83 0.17
N GLU A 124 -6.94 17.60 -0.57
CA GLU A 124 -7.76 17.00 -1.62
C GLU A 124 -6.96 16.47 -2.80
N ARG A 125 -5.73 16.97 -2.97
CA ARG A 125 -4.89 16.50 -4.07
C ARG A 125 -4.46 15.07 -3.78
N VAL A 126 -4.01 14.82 -2.54
CA VAL A 126 -3.55 13.51 -2.13
C VAL A 126 -4.63 12.42 -1.92
N VAL A 127 -5.80 12.79 -1.42
CA VAL A 127 -6.88 11.84 -1.17
C VAL A 127 -7.51 11.25 -2.44
N GLY A 128 -7.18 11.82 -3.58
CA GLY A 128 -7.73 11.30 -4.82
C GLY A 128 -6.64 10.81 -5.77
N ARG A 129 -5.41 10.78 -5.29
CA ARG A 129 -4.29 10.35 -6.10
C ARG A 129 -4.27 8.83 -6.25
N ARG A 130 -4.12 8.37 -7.49
CA ARG A 130 -4.06 6.94 -7.82
C ARG A 130 -2.75 6.69 -8.57
N LEU A 131 -2.41 5.41 -8.73
CA LEU A 131 -1.20 5.03 -9.45
C LEU A 131 -1.33 3.73 -10.23
N ASP A 132 -0.99 3.78 -11.52
CA ASP A 132 -1.04 2.60 -12.38
C ASP A 132 0.33 1.94 -12.27
N PRO A 133 0.41 0.75 -11.66
CA PRO A 133 1.67 0.01 -11.48
C PRO A 133 2.36 -0.44 -12.75
N VAL A 134 1.57 -0.83 -13.74
CA VAL A 134 2.07 -1.32 -15.02
C VAL A 134 2.81 -0.27 -15.85
N THR A 135 2.58 1.01 -15.55
CA THR A 135 3.19 2.09 -16.30
C THR A 135 3.99 3.08 -15.45
N GLY A 136 3.43 3.45 -14.31
CA GLY A 136 4.08 4.38 -13.41
C GLY A 136 3.49 5.77 -13.51
N LYS A 137 2.43 5.90 -14.32
CA LYS A 137 1.75 7.17 -14.51
C LYS A 137 0.90 7.58 -13.31
N ILE A 138 1.07 8.82 -12.88
CA ILE A 138 0.31 9.36 -11.76
C ILE A 138 -1.04 9.77 -12.30
N TYR A 139 -2.07 9.62 -11.47
CA TYR A 139 -3.43 9.96 -11.84
C TYR A 139 -4.12 10.59 -10.66
N HIS A 140 -5.32 11.12 -10.89
CA HIS A 140 -6.13 11.73 -9.86
C HIS A 140 -7.57 11.55 -10.35
N LEU A 141 -8.42 11.00 -9.50
CA LEU A 141 -9.81 10.74 -9.82
C LEU A 141 -10.64 11.90 -10.43
N LYS A 142 -10.27 13.14 -10.10
CA LYS A 142 -10.99 14.29 -10.64
C LYS A 142 -10.12 15.00 -11.69
N TYR A 143 -9.03 15.60 -11.25
CA TYR A 143 -8.11 16.29 -12.16
C TYR A 143 -7.20 15.21 -12.76
N SER A 144 -7.05 15.19 -14.07
CA SER A 144 -6.21 14.20 -14.75
C SER A 144 -6.60 12.74 -14.46
N PRO A 145 -7.87 12.37 -14.75
CA PRO A 145 -8.38 11.02 -14.53
C PRO A 145 -7.84 10.02 -15.55
N PRO A 146 -7.96 8.70 -15.27
CA PRO A 146 -7.47 7.67 -16.20
C PRO A 146 -8.14 7.75 -17.57
N GLU A 147 -7.38 7.44 -18.61
CA GLU A 147 -7.88 7.51 -19.99
C GLU A 147 -8.91 6.45 -20.39
N ASN A 148 -9.93 6.27 -19.55
CA ASN A 148 -11.00 5.30 -19.79
C ASN A 148 -10.58 3.96 -20.43
N GLU A 149 -9.50 3.40 -19.91
CA GLU A 149 -8.97 2.14 -20.38
C GLU A 149 -9.02 1.14 -19.23
N GLU A 150 -8.46 -0.04 -19.47
CA GLU A 150 -8.41 -1.08 -18.45
C GLU A 150 -7.53 -0.55 -17.30
N ILE A 151 -6.86 0.57 -17.55
CA ILE A 151 -6.02 1.22 -16.57
C ILE A 151 -6.81 1.51 -15.29
N ALA A 152 -8.09 1.83 -15.43
CA ALA A 152 -8.94 2.14 -14.28
C ALA A 152 -9.06 0.97 -13.31
N SER A 153 -9.03 -0.25 -13.83
CA SER A 153 -9.15 -1.46 -13.04
C SER A 153 -7.86 -1.88 -12.33
N ARG A 154 -6.74 -1.32 -12.74
CA ARG A 154 -5.45 -1.68 -12.15
C ARG A 154 -4.78 -0.55 -11.35
N LEU A 155 -5.56 0.46 -10.97
CA LEU A 155 -5.03 1.59 -10.20
C LEU A 155 -4.92 1.24 -8.72
N THR A 156 -3.90 1.77 -8.07
CA THR A 156 -3.66 1.50 -6.66
C THR A 156 -3.35 2.81 -5.93
N GLN A 157 -3.01 2.71 -4.65
CA GLN A 157 -2.67 3.86 -3.82
C GLN A 157 -1.55 3.52 -2.85
N ARG A 158 -0.87 4.55 -2.36
CA ARG A 158 0.24 4.35 -1.41
C ARG A 158 -0.31 4.14 -0.02
N PHE A 159 0.44 3.42 0.79
CA PHE A 159 0.04 3.15 2.17
C PHE A 159 0.05 4.41 3.04
N ASP A 160 0.74 5.43 2.57
CA ASP A 160 0.85 6.69 3.32
C ASP A 160 0.05 7.87 2.77
N ASP A 161 -1.09 7.61 2.15
CA ASP A 161 -1.93 8.67 1.60
C ASP A 161 -3.20 8.84 2.43
N THR A 162 -3.03 8.78 3.74
CA THR A 162 -4.12 8.94 4.68
C THR A 162 -4.33 10.43 4.95
N GLU A 163 -5.56 10.91 4.79
CA GLU A 163 -5.94 12.31 4.99
C GLU A 163 -5.26 12.97 6.21
N GLU A 164 -5.32 12.29 7.35
CA GLU A 164 -4.72 12.76 8.59
C GLU A 164 -3.19 12.70 8.65
N LYS A 165 -2.57 11.93 7.76
CA LYS A 165 -1.11 11.80 7.72
C LYS A 165 -0.52 13.12 7.23
N VAL A 166 -1.24 13.74 6.31
CA VAL A 166 -0.86 15.00 5.70
C VAL A 166 -0.39 16.07 6.68
N LYS A 167 -1.19 16.34 7.70
CA LYS A 167 -0.84 17.35 8.70
C LYS A 167 0.54 17.09 9.30
N LEU A 168 0.86 15.81 9.47
CA LEU A 168 2.12 15.38 10.04
C LEU A 168 3.28 15.64 9.08
N ARG A 169 3.15 15.18 7.84
CA ARG A 169 4.18 15.33 6.81
C ARG A 169 4.42 16.79 6.42
N LEU A 170 3.49 17.65 6.80
CA LEU A 170 3.62 19.07 6.52
C LEU A 170 4.63 19.67 7.48
N GLU A 171 4.54 19.25 8.74
CA GLU A 171 5.45 19.74 9.80
C GLU A 171 6.90 19.50 9.43
N THR A 172 7.24 18.23 9.27
CA THR A 172 8.59 17.80 8.91
C THR A 172 9.08 18.62 7.73
N TYR A 173 8.17 18.93 6.82
CA TYR A 173 8.51 19.70 5.63
C TYR A 173 9.01 21.10 5.92
N TYR A 174 8.11 22.04 6.17
CA TYR A 174 8.55 23.42 6.38
C TYR A 174 9.53 23.69 7.51
N GLN A 175 9.62 22.77 8.45
CA GLN A 175 10.54 22.89 9.57
C GLN A 175 11.99 22.79 9.06
N ASN A 176 12.22 21.91 8.10
CA ASN A 176 13.54 21.68 7.54
C ASN A 176 13.94 22.56 6.36
N ILE A 177 12.97 23.03 5.58
CA ILE A 177 13.27 23.85 4.42
C ILE A 177 13.92 25.19 4.75
N GLU A 178 13.80 25.61 6.01
CA GLU A 178 14.39 26.88 6.44
C GLU A 178 15.91 26.81 6.33
N SER A 179 16.49 25.66 6.64
CA SER A 179 17.93 25.48 6.56
C SER A 179 18.36 25.35 5.09
N LEU A 180 17.54 24.66 4.30
CA LEU A 180 17.81 24.44 2.89
C LEU A 180 17.97 25.74 2.12
N LEU A 181 16.97 26.61 2.20
CA LEU A 181 17.02 27.92 1.53
C LEU A 181 18.33 28.63 1.86
N SER A 182 18.70 28.57 3.13
CA SER A 182 19.91 29.19 3.66
C SER A 182 21.14 28.70 2.89
N THR A 183 21.26 27.37 2.80
CA THR A 183 22.38 26.75 2.11
C THR A 183 22.48 27.36 0.72
N TYR A 184 23.70 27.44 0.20
CA TYR A 184 23.94 28.00 -1.12
C TYR A 184 23.07 27.31 -2.17
N GLU A 185 21.81 27.70 -2.20
CA GLU A 185 20.83 27.16 -3.12
C GLU A 185 20.01 28.37 -3.58
N ASN A 186 20.50 29.56 -3.23
CA ASN A 186 19.87 30.85 -3.53
C ASN A 186 19.52 31.12 -5.00
N ILE A 187 19.78 30.14 -5.86
CA ILE A 187 19.45 30.21 -7.27
C ILE A 187 18.05 29.59 -7.39
N ILE A 188 17.24 29.85 -6.37
CA ILE A 188 15.88 29.33 -6.24
C ILE A 188 14.90 30.06 -7.13
N VAL A 189 14.15 29.31 -7.90
CA VAL A 189 13.14 29.85 -8.78
C VAL A 189 11.83 29.31 -8.21
N LYS A 190 11.06 30.20 -7.58
CA LYS A 190 9.79 29.81 -7.00
C LYS A 190 8.76 29.75 -8.11
N VAL A 191 8.05 28.63 -8.19
CA VAL A 191 7.04 28.45 -9.22
C VAL A 191 5.69 28.16 -8.55
N GLN A 192 4.70 28.99 -8.87
CA GLN A 192 3.34 28.84 -8.32
C GLN A 192 2.75 27.52 -8.80
N GLY A 193 2.27 26.71 -7.85
CA GLY A 193 1.70 25.42 -8.18
C GLY A 193 0.18 25.37 -8.32
N ASP A 194 -0.49 26.41 -7.85
CA ASP A 194 -1.95 26.44 -7.94
C ASP A 194 -2.47 26.73 -9.35
N ALA A 195 -2.22 25.82 -10.29
CA ALA A 195 -2.66 25.99 -11.68
C ALA A 195 -2.57 24.71 -12.48
N THR A 196 -3.17 24.73 -13.67
CA THR A 196 -3.20 23.57 -14.57
C THR A 196 -1.83 22.88 -14.69
N VAL A 197 -1.86 21.56 -14.86
CA VAL A 197 -0.63 20.78 -15.02
C VAL A 197 0.16 21.29 -16.25
N ASP A 198 -0.57 21.71 -17.28
CA ASP A 198 0.05 22.22 -18.50
C ASP A 198 0.58 23.63 -18.24
N ALA A 199 -0.20 24.40 -17.50
CA ALA A 199 0.16 25.78 -17.15
C ALA A 199 1.47 25.85 -16.38
N VAL A 200 1.67 24.92 -15.46
CA VAL A 200 2.89 24.89 -14.66
C VAL A 200 4.07 24.46 -15.52
N PHE A 201 3.91 23.35 -16.24
CA PHE A 201 4.98 22.84 -17.10
C PHE A 201 5.57 23.89 -18.02
N ALA A 202 4.69 24.63 -18.71
CA ALA A 202 5.10 25.68 -19.64
C ALA A 202 6.16 26.60 -19.02
N LYS A 203 5.96 26.94 -17.74
CA LYS A 203 6.87 27.80 -16.99
C LYS A 203 8.22 27.12 -16.80
N ILE A 204 8.19 25.87 -16.35
CA ILE A 204 9.41 25.11 -16.12
C ILE A 204 10.17 24.85 -17.43
N ASP A 205 9.42 24.70 -18.52
CA ASP A 205 10.02 24.47 -19.82
C ASP A 205 10.79 25.73 -20.24
N GLU A 206 10.11 26.87 -20.20
CA GLU A 206 10.71 28.13 -20.57
C GLU A 206 11.96 28.46 -19.78
N LEU A 207 11.96 28.06 -18.51
CA LEU A 207 13.11 28.30 -17.65
C LEU A 207 14.30 27.48 -18.16
N LEU A 208 14.10 26.17 -18.24
CA LEU A 208 15.16 25.28 -18.70
C LEU A 208 15.64 25.69 -20.08
N GLY A 209 14.70 26.09 -20.93
CA GLY A 209 15.02 26.49 -22.29
C GLY A 209 16.03 27.62 -22.37
N SER A 210 15.88 28.65 -21.54
CA SER A 210 16.81 29.77 -21.55
C SER A 210 18.16 29.36 -20.99
N ILE A 211 18.15 28.55 -19.94
CA ILE A 211 19.39 28.08 -19.32
C ILE A 211 20.24 27.38 -20.37
N LEU A 212 19.57 26.71 -21.32
CA LEU A 212 20.28 26.02 -22.40
C LEU A 212 20.98 27.04 -23.28
N GLU A 213 20.32 28.18 -23.51
CA GLU A 213 20.88 29.26 -24.32
C GLU A 213 22.12 29.85 -23.66
N LYS A 214 22.02 30.14 -22.37
CA LYS A 214 23.11 30.71 -21.59
C LYS A 214 24.37 29.84 -21.73
N LYS A 215 24.27 28.59 -21.32
CA LYS A 215 25.39 27.66 -21.38
C LYS A 215 25.93 27.57 -22.79
N ASN A 216 25.04 27.45 -23.77
CA ASN A 216 25.42 27.36 -25.17
C ASN A 216 26.11 28.63 -25.72
N GLU A 217 25.79 29.78 -25.16
CA GLU A 217 26.40 31.03 -25.63
C GLU A 217 27.91 31.00 -25.44
N MET A 218 28.35 30.67 -24.21
CA MET A 218 29.77 30.58 -23.88
C MET A 218 30.43 29.51 -24.76
N VAL A 219 29.73 28.39 -24.95
CA VAL A 219 30.21 27.29 -25.77
C VAL A 219 30.60 27.84 -27.16
N SER A 220 29.77 28.77 -27.65
CA SER A 220 29.99 29.41 -28.93
C SER A 220 30.82 30.68 -28.78
N SER A 221 31.92 30.60 -28.03
CA SER A 221 32.80 31.75 -27.86
C SER A 221 33.45 32.06 -29.20
N THR A 222 32.88 33.06 -29.88
CA THR A 222 33.36 33.51 -31.17
C THR A 222 34.20 34.76 -30.99
N ALA B 3 -10.27 -33.34 13.30
CA ALA B 3 -10.10 -34.30 14.43
C ALA B 3 -10.86 -33.72 15.63
N ASP B 4 -10.51 -34.13 16.86
CA ASP B 4 -11.19 -33.62 18.05
C ASP B 4 -10.97 -32.14 18.41
N PRO B 5 -9.80 -31.56 18.04
CA PRO B 5 -9.67 -30.15 18.40
C PRO B 5 -10.61 -29.37 17.50
N LEU B 6 -11.12 -28.24 17.98
CA LEU B 6 -12.05 -27.45 17.19
C LEU B 6 -11.41 -26.97 15.89
N LYS B 7 -12.16 -27.06 14.79
CA LYS B 7 -11.69 -26.63 13.46
C LYS B 7 -12.81 -25.82 12.83
N VAL B 8 -12.58 -24.53 12.62
CA VAL B 8 -13.60 -23.67 12.03
C VAL B 8 -13.20 -23.22 10.63
N MET B 9 -14.16 -22.71 9.87
CA MET B 9 -13.91 -22.22 8.51
C MET B 9 -14.86 -21.04 8.30
N ILE B 10 -14.29 -19.88 8.01
CA ILE B 10 -15.09 -18.68 7.82
C ILE B 10 -14.89 -18.09 6.41
N SER B 11 -15.91 -17.39 5.91
CA SER B 11 -15.87 -16.74 4.60
C SER B 11 -16.98 -15.70 4.48
N GLY B 12 -16.87 -14.84 3.46
CA GLY B 12 -17.86 -13.81 3.24
C GLY B 12 -17.38 -12.82 2.21
N ALA B 13 -18.23 -11.86 1.85
CA ALA B 13 -17.86 -10.86 0.87
C ALA B 13 -16.79 -9.94 1.48
N PRO B 14 -15.96 -9.31 0.62
CA PRO B 14 -14.90 -8.42 1.10
C PRO B 14 -15.39 -7.33 2.07
N ALA B 15 -14.59 -7.07 3.10
CA ALA B 15 -14.86 -6.07 4.14
C ALA B 15 -16.09 -6.37 5.02
N SER B 16 -16.42 -7.65 5.14
CA SER B 16 -17.58 -8.06 5.94
C SER B 16 -17.27 -8.19 7.44
N GLY B 17 -16.00 -8.48 7.76
CA GLY B 17 -15.60 -8.63 9.13
C GLY B 17 -14.83 -9.91 9.41
N LYS B 18 -14.32 -10.54 8.36
CA LYS B 18 -13.56 -11.79 8.51
C LYS B 18 -12.31 -11.62 9.39
N GLY B 19 -11.44 -10.70 9.01
CA GLY B 19 -10.24 -10.47 9.81
C GLY B 19 -10.56 -10.02 11.23
N THR B 20 -11.51 -9.10 11.35
CA THR B 20 -11.92 -8.55 12.66
C THR B 20 -12.40 -9.60 13.65
N GLN B 21 -13.33 -10.44 13.22
CA GLN B 21 -13.87 -11.47 14.09
C GLN B 21 -12.82 -12.49 14.50
N CYS B 22 -12.00 -12.92 13.53
CA CYS B 22 -10.96 -13.91 13.79
C CYS B 22 -10.05 -13.56 14.97
N GLU B 23 -9.81 -12.27 15.20
CA GLU B 23 -8.96 -11.85 16.31
C GLU B 23 -9.62 -12.25 17.63
N LEU B 24 -10.90 -11.95 17.76
CA LEU B 24 -11.67 -12.27 18.96
C LEU B 24 -11.71 -13.77 19.21
N ILE B 25 -12.07 -14.52 18.17
CA ILE B 25 -12.15 -15.97 18.25
C ILE B 25 -10.79 -16.55 18.68
N LYS B 26 -9.74 -16.16 17.97
CA LYS B 26 -8.37 -16.59 18.22
C LYS B 26 -7.91 -16.36 19.66
N THR B 27 -8.06 -15.13 20.12
CA THR B 27 -7.66 -14.73 21.47
C THR B 27 -8.37 -15.51 22.57
N LYS B 28 -9.64 -15.86 22.37
CA LYS B 28 -10.35 -16.60 23.39
C LYS B 28 -10.13 -18.11 23.27
N TYR B 29 -10.57 -18.67 22.15
CA TYR B 29 -10.46 -20.12 21.94
C TYR B 29 -9.06 -20.69 21.76
N GLN B 30 -8.07 -19.84 21.54
CA GLN B 30 -6.67 -20.28 21.38
C GLN B 30 -6.35 -21.09 20.10
N LEU B 31 -7.18 -20.95 19.07
CA LEU B 31 -7.00 -21.68 17.81
C LEU B 31 -5.89 -21.14 16.92
N ALA B 32 -5.42 -21.96 15.98
CA ALA B 32 -4.39 -21.56 15.03
C ALA B 32 -5.10 -20.86 13.86
N HIS B 33 -4.97 -19.55 13.81
CA HIS B 33 -5.60 -18.77 12.76
C HIS B 33 -4.82 -18.69 11.44
N ILE B 34 -5.31 -19.39 10.43
CA ILE B 34 -4.71 -19.38 9.09
C ILE B 34 -5.48 -18.29 8.32
N SER B 35 -4.89 -17.76 7.26
CA SER B 35 -5.56 -16.71 6.50
C SER B 35 -4.94 -16.56 5.10
N ALA B 36 -5.64 -17.05 4.08
CA ALA B 36 -5.16 -17.00 2.69
C ALA B 36 -4.77 -15.60 2.24
N GLY B 37 -5.53 -14.60 2.68
CA GLY B 37 -5.24 -13.24 2.32
C GLY B 37 -3.88 -12.83 2.88
N ASP B 38 -3.72 -12.96 4.21
CA ASP B 38 -2.48 -12.59 4.89
C ASP B 38 -1.23 -13.28 4.35
N LEU B 39 -1.31 -14.58 4.10
CA LEU B 39 -0.18 -15.36 3.58
C LEU B 39 0.28 -14.78 2.23
N LEU B 40 -0.69 -14.44 1.39
CA LEU B 40 -0.39 -13.86 0.08
C LEU B 40 0.37 -12.57 0.25
N ARG B 41 -0.17 -11.67 1.06
CA ARG B 41 0.46 -10.39 1.32
C ARG B 41 1.85 -10.54 1.95
N ALA B 42 2.03 -11.57 2.77
CA ALA B 42 3.31 -11.84 3.43
C ALA B 42 4.40 -12.16 2.38
N GLU B 43 4.05 -12.96 1.37
CA GLU B 43 4.98 -13.33 0.30
C GLU B 43 5.36 -12.10 -0.52
N ILE B 44 4.40 -11.20 -0.70
CA ILE B 44 4.62 -9.96 -1.43
C ILE B 44 5.55 -9.10 -0.60
N ALA B 45 5.30 -9.05 0.71
CA ALA B 45 6.09 -8.28 1.66
C ALA B 45 7.55 -8.73 1.59
N ALA B 46 7.74 -10.04 1.54
CA ALA B 46 9.06 -10.65 1.45
C ALA B 46 9.69 -10.40 0.08
N GLY B 47 8.86 -10.09 -0.92
CA GLY B 47 9.35 -9.81 -2.26
C GLY B 47 9.89 -10.97 -3.06
N SER B 48 9.21 -12.10 -3.00
CA SER B 48 9.63 -13.29 -3.75
C SER B 48 9.00 -13.30 -5.14
N GLU B 49 9.39 -14.27 -5.96
CA GLU B 49 8.85 -14.41 -7.32
C GLU B 49 7.35 -14.68 -7.27
N ASN B 50 6.94 -15.47 -6.27
CA ASN B 50 5.52 -15.79 -6.06
C ASN B 50 4.77 -14.52 -5.68
N GLY B 51 5.42 -13.65 -4.92
CA GLY B 51 4.81 -12.42 -4.50
C GLY B 51 4.53 -11.52 -5.69
N LYS B 52 5.56 -11.25 -6.50
CA LYS B 52 5.40 -10.38 -7.67
C LYS B 52 4.51 -10.97 -8.77
N ARG B 53 4.21 -12.25 -8.65
CA ARG B 53 3.33 -12.94 -9.58
C ARG B 53 1.91 -12.75 -9.06
N ALA B 54 1.68 -13.18 -7.83
CA ALA B 54 0.39 -13.08 -7.16
C ALA B 54 -0.19 -11.68 -7.17
N LYS B 55 0.64 -10.70 -6.81
CA LYS B 55 0.19 -9.31 -6.75
C LYS B 55 -0.63 -8.87 -7.97
N GLU B 56 -0.18 -9.26 -9.17
CA GLU B 56 -0.88 -8.89 -10.40
C GLU B 56 -2.36 -9.22 -10.33
N PHE B 57 -2.69 -10.46 -10.01
CA PHE B 57 -4.08 -10.87 -9.93
C PHE B 57 -4.84 -10.08 -8.88
N MET B 58 -4.20 -9.84 -7.75
CA MET B 58 -4.81 -9.09 -6.64
C MET B 58 -5.06 -7.62 -6.97
N GLU B 59 -4.32 -7.07 -7.93
CA GLU B 59 -4.50 -5.68 -8.32
C GLU B 59 -5.76 -5.48 -9.16
N LYS B 60 -6.10 -6.50 -9.96
CA LYS B 60 -7.29 -6.42 -10.80
C LYS B 60 -8.50 -7.03 -10.10
N GLY B 61 -8.29 -7.49 -8.87
CA GLY B 61 -9.37 -8.10 -8.10
C GLY B 61 -9.63 -9.54 -8.52
N GLN B 62 -8.60 -10.17 -9.08
CA GLN B 62 -8.68 -11.55 -9.54
C GLN B 62 -8.30 -12.52 -8.42
N LEU B 63 -8.59 -13.79 -8.64
CA LEU B 63 -8.23 -14.82 -7.67
C LEU B 63 -6.85 -15.32 -8.07
N VAL B 64 -5.96 -15.47 -7.09
CA VAL B 64 -4.61 -15.96 -7.38
C VAL B 64 -4.70 -17.45 -7.72
N PRO B 65 -4.02 -17.87 -8.80
CA PRO B 65 -4.01 -19.26 -9.27
C PRO B 65 -3.58 -20.32 -8.25
N ASP B 66 -4.34 -21.40 -8.28
CA ASP B 66 -4.19 -22.54 -7.39
C ASP B 66 -2.80 -23.02 -6.97
N GLU B 67 -1.85 -23.11 -7.91
CA GLU B 67 -0.50 -23.57 -7.54
C GLU B 67 0.16 -22.75 -6.46
N ILE B 68 -0.20 -21.47 -6.37
CA ILE B 68 0.39 -20.62 -5.35
C ILE B 68 -0.37 -20.84 -4.02
N VAL B 69 -1.68 -20.69 -4.09
CA VAL B 69 -2.56 -20.81 -2.92
C VAL B 69 -2.70 -22.20 -2.30
N VAL B 70 -3.20 -23.16 -3.09
CA VAL B 70 -3.44 -24.50 -2.59
C VAL B 70 -2.37 -25.12 -1.69
N ASN B 71 -1.13 -25.21 -2.15
CA ASN B 71 -0.08 -25.80 -1.31
C ASN B 71 0.51 -24.87 -0.27
N MET B 72 0.32 -23.57 -0.45
CA MET B 72 0.83 -22.60 0.51
C MET B 72 0.04 -22.82 1.80
N VAL B 73 -1.25 -23.12 1.63
CA VAL B 73 -2.17 -23.40 2.74
C VAL B 73 -1.90 -24.80 3.27
N LYS B 74 -1.71 -25.73 2.34
CA LYS B 74 -1.43 -27.13 2.66
C LYS B 74 -0.40 -27.27 3.78
N GLU B 75 0.80 -26.74 3.55
CA GLU B 75 1.89 -26.81 4.53
C GLU B 75 1.67 -26.11 5.87
N ARG B 76 0.76 -25.13 5.89
CA ARG B 76 0.46 -24.40 7.12
C ARG B 76 -0.37 -25.30 8.03
N LEU B 77 -1.18 -26.15 7.42
CA LEU B 77 -2.00 -27.08 8.16
C LEU B 77 -1.15 -28.24 8.69
N ARG B 78 0.01 -28.46 8.07
CA ARG B 78 0.93 -29.53 8.49
C ARG B 78 1.62 -29.20 9.81
N GLN B 79 1.76 -27.92 10.14
CA GLN B 79 2.40 -27.51 11.40
C GLN B 79 1.63 -28.11 12.59
N PRO B 80 2.34 -28.46 13.69
CA PRO B 80 1.79 -29.05 14.92
C PRO B 80 0.63 -28.33 15.60
N ASP B 81 0.81 -27.03 15.87
CA ASP B 81 -0.22 -26.21 16.53
C ASP B 81 -1.63 -26.36 15.95
N ALA B 82 -1.73 -26.48 14.63
CA ALA B 82 -3.01 -26.64 13.97
C ALA B 82 -3.63 -28.00 14.26
N GLN B 83 -2.77 -29.01 14.36
CA GLN B 83 -3.21 -30.36 14.63
C GLN B 83 -3.45 -30.64 16.12
N GLU B 84 -2.77 -29.89 16.98
CA GLU B 84 -2.92 -30.09 18.43
C GLU B 84 -3.98 -29.20 19.07
N ASN B 85 -4.04 -27.95 18.66
CA ASN B 85 -5.01 -27.01 19.23
C ASN B 85 -6.27 -26.88 18.37
N GLY B 86 -6.08 -26.77 17.05
CA GLY B 86 -7.21 -26.63 16.14
C GLY B 86 -6.91 -25.57 15.11
N TRP B 87 -7.60 -25.60 13.98
CA TRP B 87 -7.38 -24.62 12.90
C TRP B 87 -8.59 -23.74 12.66
N LEU B 88 -8.33 -22.53 12.19
CA LEU B 88 -9.37 -21.58 11.88
C LEU B 88 -9.07 -20.98 10.50
N LEU B 89 -9.69 -21.52 9.45
CA LEU B 89 -9.47 -21.00 8.10
C LEU B 89 -10.15 -19.66 7.90
N ASP B 90 -9.60 -18.87 7.00
CA ASP B 90 -10.11 -17.55 6.72
C ASP B 90 -9.79 -17.22 5.27
N GLY B 91 -10.83 -17.09 4.45
CA GLY B 91 -10.64 -16.79 3.04
C GLY B 91 -10.17 -17.99 2.24
N TYR B 92 -10.71 -19.14 2.56
CA TYR B 92 -10.35 -20.36 1.88
C TYR B 92 -11.32 -21.44 2.29
N PRO B 93 -11.86 -22.19 1.31
CA PRO B 93 -11.57 -22.06 -0.13
C PRO B 93 -12.37 -20.92 -0.75
N ARG B 94 -12.14 -20.66 -2.03
CA ARG B 94 -12.83 -19.59 -2.74
C ARG B 94 -13.28 -20.07 -4.13
N SER B 95 -13.11 -21.35 -4.40
CA SER B 95 -13.50 -21.95 -5.67
C SER B 95 -13.66 -23.44 -5.51
N TYR B 96 -14.39 -24.04 -6.44
CA TYR B 96 -14.64 -25.47 -6.43
C TYR B 96 -13.34 -26.28 -6.29
N SER B 97 -12.40 -26.04 -7.20
CA SER B 97 -11.13 -26.75 -7.17
C SER B 97 -10.45 -26.67 -5.80
N GLN B 98 -10.41 -25.47 -5.23
CA GLN B 98 -9.80 -25.26 -3.91
C GLN B 98 -10.47 -26.10 -2.83
N ALA B 99 -11.79 -26.06 -2.81
CA ALA B 99 -12.56 -26.81 -1.82
C ALA B 99 -12.26 -28.30 -1.98
N MET B 100 -12.30 -28.77 -3.22
CA MET B 100 -12.05 -30.17 -3.55
C MET B 100 -10.68 -30.67 -3.11
N ALA B 101 -9.67 -29.82 -3.23
CA ALA B 101 -8.30 -30.16 -2.84
C ALA B 101 -8.28 -30.71 -1.42
N LEU B 102 -9.00 -30.06 -0.51
CA LEU B 102 -9.07 -30.46 0.90
C LEU B 102 -9.85 -31.73 1.17
N GLU B 103 -10.92 -31.96 0.42
CA GLU B 103 -11.72 -33.16 0.62
C GLU B 103 -10.94 -34.42 0.30
N THR B 104 -10.00 -34.31 -0.63
CA THR B 104 -9.17 -35.44 -1.04
C THR B 104 -8.16 -35.86 0.04
N LEU B 105 -7.99 -35.02 1.08
CA LEU B 105 -7.08 -35.30 2.19
C LEU B 105 -7.86 -35.55 3.49
N GLU B 106 -9.18 -35.69 3.36
CA GLU B 106 -10.05 -35.91 4.52
C GLU B 106 -10.07 -34.73 5.50
N ILE B 107 -9.93 -33.53 4.95
CA ILE B 107 -9.94 -32.34 5.79
C ILE B 107 -11.31 -31.67 5.66
N ARG B 108 -12.15 -31.86 6.67
CA ARG B 108 -13.49 -31.29 6.70
C ARG B 108 -13.66 -30.58 8.05
N PRO B 109 -14.28 -29.40 8.05
CA PRO B 109 -14.49 -28.63 9.29
C PRO B 109 -15.66 -29.14 10.12
N ASP B 110 -15.96 -28.45 11.22
CA ASP B 110 -17.07 -28.78 12.10
C ASP B 110 -18.28 -27.97 11.65
N THR B 111 -18.04 -26.72 11.29
CA THR B 111 -19.09 -25.81 10.82
C THR B 111 -18.50 -24.79 9.83
N PHE B 112 -19.35 -24.25 8.96
CA PHE B 112 -18.95 -23.29 7.96
C PHE B 112 -19.72 -21.99 8.22
N ILE B 113 -19.04 -20.98 8.74
CA ILE B 113 -19.69 -19.73 9.05
C ILE B 113 -19.62 -18.73 7.90
N LEU B 114 -20.77 -18.32 7.39
CA LEU B 114 -20.83 -17.34 6.32
C LEU B 114 -21.38 -16.03 6.86
N LEU B 115 -20.64 -14.94 6.64
CA LEU B 115 -21.07 -13.62 7.10
C LEU B 115 -21.94 -12.96 6.04
N ASP B 116 -23.23 -12.81 6.33
CA ASP B 116 -24.18 -12.19 5.38
C ASP B 116 -24.29 -10.67 5.59
N VAL B 117 -23.81 -9.92 4.60
CA VAL B 117 -23.85 -8.46 4.67
C VAL B 117 -24.42 -7.89 3.35
N PRO B 118 -25.31 -6.89 3.44
CA PRO B 118 -25.91 -6.27 2.26
C PRO B 118 -24.84 -5.47 1.50
N ASP B 119 -24.73 -5.68 0.19
CA ASP B 119 -23.74 -4.99 -0.65
C ASP B 119 -23.73 -3.49 -0.47
N GLU B 120 -24.89 -2.91 -0.19
CA GLU B 120 -25.03 -1.49 -0.01
C GLU B 120 -24.14 -0.92 1.11
N LEU B 121 -23.82 -1.74 2.10
CA LEU B 121 -22.99 -1.31 3.24
C LEU B 121 -21.50 -1.30 2.95
N LEU B 122 -20.99 -2.42 2.46
CA LEU B 122 -19.57 -2.67 2.14
C LEU B 122 -18.66 -1.50 1.77
N VAL B 123 -19.05 -0.70 0.77
CA VAL B 123 -18.21 0.42 0.32
C VAL B 123 -17.67 1.31 1.44
N GLU B 124 -18.55 1.83 2.29
CA GLU B 124 -18.09 2.71 3.37
C GLU B 124 -17.28 2.00 4.45
N ARG B 125 -17.42 0.69 4.55
CA ARG B 125 -16.66 -0.08 5.53
C ARG B 125 -15.20 -0.09 5.12
N VAL B 126 -14.96 -0.37 3.83
CA VAL B 126 -13.61 -0.45 3.29
C VAL B 126 -12.85 0.88 3.09
N VAL B 127 -13.57 1.94 2.73
CA VAL B 127 -12.94 3.24 2.51
C VAL B 127 -12.43 3.92 3.77
N GLY B 128 -12.79 3.38 4.94
CA GLY B 128 -12.33 3.96 6.19
C GLY B 128 -11.50 2.99 7.00
N ARG B 129 -11.19 1.84 6.42
CA ARG B 129 -10.40 0.83 7.11
C ARG B 129 -8.93 1.19 7.16
N ARG B 130 -8.35 1.08 8.34
CA ARG B 130 -6.94 1.38 8.56
C ARG B 130 -6.28 0.15 9.19
N LEU B 131 -4.96 0.14 9.23
CA LEU B 131 -4.22 -0.98 9.81
C LEU B 131 -2.93 -0.55 10.52
N ASP B 132 -2.78 -0.97 11.79
CA ASP B 132 -1.59 -0.68 12.57
C ASP B 132 -0.62 -1.82 12.29
N PRO B 133 0.50 -1.54 11.60
CA PRO B 133 1.53 -2.54 11.26
C PRO B 133 2.25 -3.17 12.45
N VAL B 134 2.51 -2.37 13.47
CA VAL B 134 3.22 -2.81 14.67
C VAL B 134 2.46 -3.85 15.51
N THR B 135 1.16 -3.94 15.31
CA THR B 135 0.33 -4.86 16.09
C THR B 135 -0.48 -5.82 15.24
N GLY B 136 -1.08 -5.30 14.16
CA GLY B 136 -1.89 -6.12 13.28
C GLY B 136 -3.37 -5.91 13.52
N LYS B 137 -3.69 -4.98 14.42
CA LYS B 137 -5.08 -4.67 14.76
C LYS B 137 -5.79 -3.89 13.66
N ILE B 138 -6.98 -4.35 13.30
CA ILE B 138 -7.79 -3.69 12.29
C ILE B 138 -8.49 -2.53 12.97
N TYR B 139 -8.68 -1.46 12.22
CA TYR B 139 -9.33 -0.26 12.73
C TYR B 139 -10.21 0.31 11.64
N HIS B 140 -11.01 1.30 12.02
CA HIS B 140 -11.90 2.00 11.11
C HIS B 140 -12.05 3.38 11.71
N LEU B 141 -11.82 4.39 10.88
CA LEU B 141 -11.90 5.79 11.32
C LEU B 141 -13.17 6.23 12.08
N LYS B 142 -14.30 5.59 11.80
CA LYS B 142 -15.56 5.94 12.48
C LYS B 142 -15.91 4.86 13.50
N TYR B 143 -16.25 3.68 13.00
CA TYR B 143 -16.60 2.55 13.88
C TYR B 143 -15.27 1.93 14.31
N SER B 144 -15.11 1.70 15.63
CA SER B 144 -13.87 1.11 16.17
C SER B 144 -12.60 1.89 15.80
N PRO B 145 -12.55 3.18 16.19
CA PRO B 145 -11.40 4.04 15.91
C PRO B 145 -10.20 3.70 16.82
N PRO B 146 -9.00 4.18 16.47
CA PRO B 146 -7.79 3.92 17.27
C PRO B 146 -7.93 4.47 18.71
N GLU B 147 -7.34 3.76 19.67
CA GLU B 147 -7.41 4.12 21.09
C GLU B 147 -6.64 5.36 21.50
N ASN B 148 -6.80 6.44 20.75
CA ASN B 148 -6.12 7.71 21.01
C ASN B 148 -4.67 7.61 21.53
N GLU B 149 -3.90 6.75 20.86
CA GLU B 149 -2.51 6.54 21.21
C GLU B 149 -1.66 6.92 20.00
N GLU B 150 -0.36 6.69 20.11
CA GLU B 150 0.57 6.96 19.02
C GLU B 150 0.19 6.06 17.84
N ILE B 151 -0.69 5.11 18.10
CA ILE B 151 -1.18 4.19 17.08
C ILE B 151 -1.78 4.94 15.89
N ALA B 152 -2.41 6.09 16.17
CA ALA B 152 -3.03 6.90 15.12
C ALA B 152 -2.01 7.38 14.07
N SER B 153 -0.79 7.64 14.52
CA SER B 153 0.28 8.12 13.65
C SER B 153 0.96 7.04 12.81
N ARG B 154 0.74 5.79 13.16
CA ARG B 154 1.36 4.68 12.43
C ARG B 154 0.38 3.80 11.65
N LEU B 155 -0.82 4.31 11.40
CA LEU B 155 -1.83 3.56 10.67
C LEU B 155 -1.59 3.64 9.16
N THR B 156 -1.89 2.56 8.46
CA THR B 156 -1.70 2.49 7.01
C THR B 156 -2.94 1.89 6.35
N GLN B 157 -2.85 1.68 5.03
CA GLN B 157 -3.95 1.11 4.25
C GLN B 157 -3.42 0.18 3.16
N ARG B 158 -4.28 -0.71 2.67
CA ARG B 158 -3.88 -1.66 1.63
C ARG B 158 -3.94 -0.99 0.27
N PHE B 159 -3.12 -1.47 -0.66
CA PHE B 159 -3.08 -0.92 -2.02
C PHE B 159 -4.35 -1.21 -2.80
N ASP B 160 -5.14 -2.17 -2.32
CA ASP B 160 -6.38 -2.55 -2.99
C ASP B 160 -7.68 -2.13 -2.30
N ASP B 161 -7.67 -1.00 -1.60
CA ASP B 161 -8.86 -0.51 -0.90
C ASP B 161 -9.43 0.72 -1.61
N THR B 162 -9.43 0.66 -2.93
CA THR B 162 -9.93 1.72 -3.77
C THR B 162 -11.45 1.55 -3.92
N GLU B 163 -12.21 2.60 -3.63
CA GLU B 163 -13.69 2.60 -3.70
C GLU B 163 -14.24 1.86 -4.93
N GLU B 164 -13.70 2.17 -6.10
CA GLU B 164 -14.11 1.55 -7.36
C GLU B 164 -13.67 0.10 -7.56
N LYS B 165 -12.68 -0.35 -6.78
CA LYS B 165 -12.17 -1.72 -6.88
C LYS B 165 -13.25 -2.66 -6.35
N VAL B 166 -13.96 -2.19 -5.32
CA VAL B 166 -15.02 -2.93 -4.66
C VAL B 166 -16.00 -3.60 -5.61
N LYS B 167 -16.56 -2.82 -6.54
CA LYS B 167 -17.52 -3.36 -7.51
C LYS B 167 -16.96 -4.58 -8.24
N LEU B 168 -15.67 -4.53 -8.53
CA LEU B 168 -14.99 -5.61 -9.23
C LEU B 168 -14.85 -6.85 -8.35
N ARG B 169 -14.33 -6.67 -7.14
CA ARG B 169 -14.13 -7.77 -6.20
C ARG B 169 -15.43 -8.41 -5.72
N LEU B 170 -16.53 -7.72 -5.96
CA LEU B 170 -17.84 -8.23 -5.60
C LEU B 170 -18.24 -9.28 -6.60
N GLU B 171 -17.96 -9.02 -7.88
CA GLU B 171 -18.29 -9.95 -8.98
C GLU B 171 -17.65 -11.30 -8.76
N THR B 172 -16.33 -11.30 -8.70
CA THR B 172 -15.53 -12.50 -8.50
C THR B 172 -16.09 -13.27 -7.31
N TYR B 173 -16.55 -12.54 -6.29
CA TYR B 173 -17.10 -13.14 -5.10
C TYR B 173 -18.34 -13.97 -5.32
N TYR B 174 -19.51 -13.33 -5.44
CA TYR B 174 -20.73 -14.10 -5.59
C TYR B 174 -20.85 -15.04 -6.78
N GLN B 175 -20.01 -14.82 -7.79
CA GLN B 175 -19.98 -15.66 -8.98
C GLN B 175 -19.47 -17.07 -8.61
N ASN B 176 -18.48 -17.12 -7.73
CA ASN B 176 -17.87 -18.37 -7.30
C ASN B 176 -18.51 -19.06 -6.09
N ILE B 177 -19.15 -18.29 -5.20
CA ILE B 177 -19.77 -18.87 -4.01
C ILE B 177 -20.91 -19.82 -4.31
N GLU B 178 -21.45 -19.73 -5.52
CA GLU B 178 -22.54 -20.60 -5.92
C GLU B 178 -22.08 -22.04 -5.94
N SER B 179 -20.85 -22.28 -6.39
CA SER B 179 -20.30 -23.63 -6.43
C SER B 179 -19.95 -24.09 -5.01
N LEU B 180 -19.42 -23.18 -4.21
CA LEU B 180 -19.01 -23.47 -2.83
C LEU B 180 -20.16 -24.02 -2.00
N LEU B 181 -21.27 -23.28 -1.93
CA LEU B 181 -22.45 -23.71 -1.17
C LEU B 181 -22.81 -25.13 -1.57
N SER B 182 -22.79 -25.38 -2.88
CA SER B 182 -23.11 -26.68 -3.46
C SER B 182 -22.26 -27.77 -2.84
N THR B 183 -20.94 -27.55 -2.85
CA THR B 183 -19.99 -28.51 -2.30
C THR B 183 -20.43 -28.84 -0.88
N TYR B 184 -20.15 -30.08 -0.46
CA TYR B 184 -20.51 -30.54 0.88
C TYR B 184 -19.98 -29.59 1.96
N GLU B 185 -20.68 -28.48 2.12
CA GLU B 185 -20.33 -27.45 3.09
C GLU B 185 -21.68 -27.02 3.70
N ASN B 186 -22.73 -27.78 3.38
CA ASN B 186 -24.09 -27.52 3.83
C ASN B 186 -24.33 -27.35 5.34
N ILE B 187 -23.24 -27.40 6.11
CA ILE B 187 -23.27 -27.20 7.56
C ILE B 187 -23.02 -25.70 7.76
N ILE B 188 -23.57 -24.92 6.82
CA ILE B 188 -23.44 -23.48 6.78
C ILE B 188 -24.33 -22.78 7.79
N VAL B 189 -23.72 -21.91 8.59
CA VAL B 189 -24.43 -21.14 9.58
C VAL B 189 -24.30 -19.71 9.09
N LYS B 190 -25.41 -19.16 8.59
CA LYS B 190 -25.41 -17.81 8.09
C LYS B 190 -25.52 -16.88 9.28
N VAL B 191 -24.62 -15.91 9.36
CA VAL B 191 -24.62 -14.95 10.45
C VAL B 191 -24.75 -13.54 9.89
N GLN B 192 -25.78 -12.81 10.34
CA GLN B 192 -26.03 -11.45 9.90
C GLN B 192 -24.88 -10.56 10.34
N GLY B 193 -24.30 -9.84 9.38
CA GLY B 193 -23.17 -8.97 9.68
C GLY B 193 -23.51 -7.52 9.93
N ASP B 194 -24.72 -7.11 9.61
CA ASP B 194 -25.13 -5.72 9.81
C ASP B 194 -25.42 -5.40 11.29
N ALA B 195 -24.40 -5.45 12.15
CA ALA B 195 -24.57 -5.16 13.58
C ALA B 195 -23.23 -4.97 14.28
N THR B 196 -23.30 -4.48 15.53
CA THR B 196 -22.12 -4.21 16.35
C THR B 196 -21.10 -5.34 16.31
N VAL B 197 -19.82 -4.99 16.39
CA VAL B 197 -18.74 -5.97 16.39
C VAL B 197 -18.90 -6.94 17.58
N ASP B 198 -19.41 -6.42 18.71
CA ASP B 198 -19.65 -7.22 19.91
C ASP B 198 -20.88 -8.08 19.69
N ALA B 199 -21.90 -7.48 19.07
CA ALA B 199 -23.15 -8.17 18.79
C ALA B 199 -22.96 -9.40 17.91
N VAL B 200 -22.09 -9.28 16.91
CA VAL B 200 -21.81 -10.39 16.01
C VAL B 200 -21.01 -11.48 16.73
N PHE B 201 -19.93 -11.09 17.39
CA PHE B 201 -19.09 -12.03 18.12
C PHE B 201 -19.87 -12.92 19.07
N ALA B 202 -20.75 -12.31 19.87
CA ALA B 202 -21.57 -13.04 20.84
C ALA B 202 -22.22 -14.26 20.19
N LYS B 203 -22.73 -14.07 18.97
CA LYS B 203 -23.38 -15.12 18.19
C LYS B 203 -22.39 -16.24 17.82
N ILE B 204 -21.23 -15.85 17.30
CA ILE B 204 -20.20 -16.80 16.91
C ILE B 204 -19.65 -17.54 18.14
N ASP B 205 -19.60 -16.86 19.27
CA ASP B 205 -19.12 -17.46 20.52
C ASP B 205 -20.09 -18.54 20.95
N GLU B 206 -21.36 -18.18 21.05
CA GLU B 206 -22.40 -19.12 21.46
C GLU B 206 -22.45 -20.36 20.57
N LEU B 207 -22.19 -20.17 19.28
CA LEU B 207 -22.18 -21.28 18.33
C LEU B 207 -21.05 -22.24 18.68
N LEU B 208 -19.82 -21.72 18.70
CA LEU B 208 -18.66 -22.52 19.00
C LEU B 208 -18.81 -23.18 20.37
N GLY B 209 -19.36 -22.43 21.32
CA GLY B 209 -19.56 -22.93 22.68
C GLY B 209 -20.38 -24.21 22.76
N SER B 210 -21.46 -24.28 22.00
CA SER B 210 -22.30 -25.46 22.02
C SER B 210 -21.61 -26.61 21.31
N ILE B 211 -20.93 -26.33 20.20
CA ILE B 211 -20.20 -27.35 19.45
C ILE B 211 -19.22 -28.05 20.37
N LEU B 212 -18.66 -27.30 21.33
CA LEU B 212 -17.73 -27.86 22.31
C LEU B 212 -18.45 -28.86 23.20
N GLU B 213 -19.70 -28.54 23.56
CA GLU B 213 -20.52 -29.42 24.39
C GLU B 213 -20.82 -30.71 23.66
N LYS B 214 -21.24 -30.60 22.40
CA LYS B 214 -21.57 -31.76 21.56
C LYS B 214 -20.41 -32.74 21.55
N LYS B 215 -19.26 -32.29 21.06
CA LYS B 215 -18.07 -33.12 20.96
C LYS B 215 -17.72 -33.72 22.32
N ASN B 216 -17.75 -32.89 23.36
CA ASN B 216 -17.44 -33.34 24.72
C ASN B 216 -18.43 -34.35 25.29
N GLU B 217 -19.69 -34.30 24.84
CA GLU B 217 -20.68 -35.25 25.33
C GLU B 217 -20.28 -36.68 25.01
N MET B 218 -19.95 -36.93 23.73
CA MET B 218 -19.53 -38.25 23.27
C MET B 218 -18.26 -38.66 24.02
N VAL B 219 -17.35 -37.72 24.19
CA VAL B 219 -16.09 -37.95 24.90
C VAL B 219 -16.40 -38.54 26.29
N SER B 220 -17.46 -38.03 26.91
CA SER B 220 -17.91 -38.48 28.22
C SER B 220 -18.94 -39.60 28.08
N SER B 221 -18.63 -40.59 27.23
CA SER B 221 -19.53 -41.72 27.06
C SER B 221 -19.55 -42.50 28.36
N THR B 222 -20.59 -42.27 29.15
CA THR B 222 -20.78 -42.92 30.44
C THR B 222 -21.80 -44.05 30.27
#